data_2H49
#
_entry.id   2H49
#
loop_
_entity.id
_entity.type
_entity.pdbx_description
1 polymer "5'-R(*GP*GP*CP*UP*AP*AP*GP*AP*C)-3'"
2 polymer "5'-R(*GP*UP*CP*GP*AP*AP*GP*CP*C)-3'"
#
loop_
_entity_poly.entity_id
_entity_poly.type
_entity_poly.pdbx_seq_one_letter_code
_entity_poly.pdbx_strand_id
1 'polyribonucleotide' GGCUAAGAC A
2 'polyribonucleotide' GUCGAAGCC B
#